data_7LEQ
#
_entry.id   7LEQ
#
_cell.length_a   78.187
_cell.length_b   90.730
_cell.length_c   97.465
_cell.angle_alpha   90.000
_cell.angle_beta   90.000
_cell.angle_gamma   90.000
#
_symmetry.space_group_name_H-M   'P 21 21 21'
#
loop_
_entity.id
_entity.type
_entity.pdbx_description
1 polymer 'Importin subunit alpha-1'
2 polymer 'Nuclear factor NF-kappa-B p105 subunit'
3 water water
#
loop_
_entity_poly.entity_id
_entity_poly.type
_entity_poly.pdbx_seq_one_letter_code
_entity_poly.pdbx_strand_id
1 'polypeptide(L)'
;NQGTVNWSVEDIVKGINSNNLESQLQATQAARKLLSREKQPPIDNIIRAGLIPKFVSFLGKTDCSPIQFESAWALTNIAS
GTSEQTKAVVDGGAIPAFISLLASPHAHISEQAVWALGNIAGDGSAFRDLVIKHGAIDPLLALLAVPDLSTLACGYLRNL
TWTLSNLCRNKNPAPPLDAVEQILPTLVRLLHHNDPEVLADSCWAISYLTDGPNERIEMVVKKGVVPQLVKLLGATELPI
VTPALRAIGNIVTGTDEQTQKVIDAGALAVFPSLLTNPKTNIQKEATWTMSNITAGRQDQIQQVVNHGLVPFLVGVLSKA
DFKTQKEAAWAITNYTSGGTVEQIVYLVHCGIIEPLMNLLSAKDTKIIQVILDAISNIFQAAEKLGETEKLSIMIEECGG
LDKIEALQRHENESVYKASLNLIEKYFS
;
E
2 'polypeptide(L)' DKEEVQRKRQKLMP B
#
# COMPACT_ATOMS: atom_id res chain seq x y z
N ASN A 6 -15.20 -35.65 11.26
CA ASN A 6 -13.97 -34.97 11.72
C ASN A 6 -13.12 -35.99 12.48
N TRP A 7 -11.98 -36.31 11.90
CA TRP A 7 -11.01 -37.29 12.43
C TRP A 7 -10.18 -36.61 13.52
N SER A 8 -9.66 -37.39 14.46
CA SER A 8 -8.68 -36.89 15.40
C SER A 8 -7.32 -36.84 14.73
N VAL A 9 -6.43 -36.01 15.28
CA VAL A 9 -5.07 -35.96 14.75
C VAL A 9 -4.38 -37.30 14.89
N GLU A 10 -4.71 -38.04 15.96
CA GLU A 10 -4.15 -39.38 16.15
C GLU A 10 -4.50 -40.30 14.99
N ASP A 11 -5.76 -40.27 14.54
CA ASP A 11 -6.17 -41.15 13.45
C ASP A 11 -5.55 -40.72 12.13
N ILE A 12 -5.41 -39.40 11.92
CA ILE A 12 -4.68 -38.91 10.76
C ILE A 12 -3.25 -39.42 10.77
N VAL A 13 -2.62 -39.43 11.96
CA VAL A 13 -1.24 -39.92 12.08
C VAL A 13 -1.18 -41.41 11.73
N LYS A 14 -2.05 -42.21 12.35
CA LYS A 14 -2.06 -43.64 12.07
C LYS A 14 -2.33 -43.93 10.60
N GLY A 15 -3.14 -43.09 9.95
CA GLY A 15 -3.44 -43.23 8.54
C GLY A 15 -2.29 -42.83 7.63
N ILE A 16 -1.60 -41.74 7.97
CA ILE A 16 -0.48 -41.29 7.16
C ILE A 16 0.72 -42.22 7.28
N ASN A 17 0.80 -43.00 8.36
CA ASN A 17 1.90 -43.92 8.57
C ASN A 17 1.58 -45.36 8.14
N SER A 18 0.53 -45.57 7.34
CA SER A 18 0.14 -46.91 6.96
C SER A 18 1.06 -47.51 5.90
N ASN A 19 1.74 -46.67 5.12
CA ASN A 19 2.39 -47.08 3.87
C ASN A 19 1.36 -47.65 2.89
N ASN A 20 0.11 -47.20 3.03
CA ASN A 20 -0.97 -47.53 2.11
C ASN A 20 -1.38 -46.22 1.46
N LEU A 21 -1.13 -46.10 0.15
CA LEU A 21 -1.32 -44.82 -0.52
C LEU A 21 -2.75 -44.31 -0.39
N GLU A 22 -3.73 -45.19 -0.52
CA GLU A 22 -5.12 -44.74 -0.44
C GLU A 22 -5.52 -44.42 1.00
N SER A 23 -4.99 -45.17 1.97
CA SER A 23 -5.17 -44.79 3.37
C SER A 23 -4.53 -43.43 3.66
N GLN A 24 -3.33 -43.21 3.11
CA GLN A 24 -2.69 -41.90 3.26
C GLN A 24 -3.51 -40.81 2.60
N LEU A 25 -4.12 -41.10 1.46
CA LEU A 25 -4.95 -40.11 0.78
C LEU A 25 -6.16 -39.75 1.63
N GLN A 26 -6.80 -40.74 2.24
CA GLN A 26 -7.97 -40.46 3.08
C GLN A 26 -7.57 -39.70 4.33
N ALA A 27 -6.43 -40.06 4.93
CA ALA A 27 -5.95 -39.31 6.10
C ALA A 27 -5.57 -37.88 5.73
N THR A 28 -5.08 -37.66 4.50
CA THR A 28 -4.69 -36.31 4.11
C THR A 28 -5.92 -35.44 3.84
N GLN A 29 -6.96 -36.03 3.24
CA GLN A 29 -8.26 -35.35 3.19
C GLN A 29 -8.69 -34.91 4.58
N ALA A 30 -8.70 -35.86 5.53
CA ALA A 30 -9.14 -35.57 6.89
C ALA A 30 -8.34 -34.43 7.50
N ALA A 31 -7.01 -34.47 7.34
CA ALA A 31 -6.17 -33.36 7.77
C ALA A 31 -6.57 -32.08 7.04
N ARG A 32 -6.75 -32.18 5.72
CA ARG A 32 -7.14 -31.02 4.94
C ARG A 32 -8.43 -30.39 5.45
N LYS A 33 -9.43 -31.21 5.79
CA LYS A 33 -10.70 -30.68 6.26
C LYS A 33 -10.55 -30.02 7.62
N LEU A 34 -9.70 -30.58 8.49
CA LEU A 34 -9.42 -29.95 9.77
C LEU A 34 -8.77 -28.59 9.58
N LEU A 35 -7.78 -28.51 8.68
CA LEU A 35 -7.04 -27.28 8.47
C LEU A 35 -7.83 -26.24 7.68
N SER A 36 -8.98 -26.62 7.13
CA SER A 36 -9.82 -25.68 6.39
C SER A 36 -10.98 -25.14 7.22
N ARG A 37 -11.10 -25.56 8.48
CA ARG A 37 -12.14 -25.01 9.35
C ARG A 37 -11.71 -23.64 9.86
N GLU A 38 -12.67 -22.72 9.91
CA GLU A 38 -12.35 -21.31 10.13
C GLU A 38 -12.05 -21.00 11.59
N LYS A 39 -12.58 -21.81 12.52
CA LYS A 39 -12.44 -21.55 13.95
C LYS A 39 -11.37 -22.47 14.51
N GLN A 40 -10.30 -21.87 15.06
CA GLN A 40 -9.03 -22.50 15.42
C GLN A 40 -8.73 -23.76 14.63
N PRO A 41 -8.22 -23.66 13.42
CA PRO A 41 -7.63 -24.83 12.77
C PRO A 41 -6.46 -25.34 13.58
N PRO A 42 -6.36 -26.66 13.79
CA PRO A 42 -5.29 -27.19 14.66
C PRO A 42 -3.95 -27.27 13.94
N ILE A 43 -3.44 -26.10 13.52
CA ILE A 43 -2.18 -26.05 12.78
C ILE A 43 -1.04 -26.61 13.62
N ASP A 44 -0.94 -26.17 14.88
CA ASP A 44 0.18 -26.57 15.72
C ASP A 44 0.14 -28.06 16.03
N ASN A 45 -1.06 -28.61 16.21
CA ASN A 45 -1.18 -30.05 16.44
C ASN A 45 -0.68 -30.85 15.24
N ILE A 46 -1.05 -30.41 14.03
CA ILE A 46 -0.57 -31.08 12.83
C ILE A 46 0.94 -30.95 12.71
N ILE A 47 1.48 -29.76 12.98
CA ILE A 47 2.92 -29.56 12.96
C ILE A 47 3.60 -30.43 14.01
N ARG A 48 3.07 -30.40 15.23
CA ARG A 48 3.68 -31.12 16.34
C ARG A 48 3.60 -32.64 16.16
N ALA A 49 2.67 -33.13 15.35
CA ALA A 49 2.58 -34.55 15.04
C ALA A 49 3.57 -34.98 13.96
N GLY A 50 4.34 -34.06 13.40
CA GLY A 50 5.36 -34.40 12.42
C GLY A 50 4.84 -34.66 11.02
N LEU A 51 3.64 -34.18 10.69
CA LEU A 51 2.99 -34.53 9.43
C LEU A 51 3.56 -33.77 8.24
N ILE A 52 4.22 -32.64 8.45
CA ILE A 52 4.63 -31.79 7.33
C ILE A 52 5.57 -32.51 6.36
N PRO A 53 6.61 -33.23 6.82
CA PRO A 53 7.46 -33.94 5.85
C PRO A 53 6.71 -34.96 5.01
N LYS A 54 5.68 -35.62 5.56
CA LYS A 54 4.88 -36.53 4.75
C LYS A 54 4.07 -35.77 3.71
N PHE A 55 3.45 -34.66 4.10
CA PHE A 55 2.70 -33.83 3.16
C PHE A 55 3.58 -33.40 2.00
N VAL A 56 4.81 -32.96 2.30
CA VAL A 56 5.72 -32.50 1.25
C VAL A 56 6.06 -33.65 0.31
N SER A 57 6.28 -34.85 0.86
CA SER A 57 6.56 -36.00 0.01
C SER A 57 5.38 -36.35 -0.88
N PHE A 58 4.15 -36.16 -0.38
CA PHE A 58 2.98 -36.42 -1.21
C PHE A 58 2.87 -35.45 -2.39
N LEU A 59 3.51 -34.28 -2.29
CA LEU A 59 3.46 -33.34 -3.41
C LEU A 59 4.13 -33.89 -4.65
N GLY A 60 5.10 -34.80 -4.48
CA GLY A 60 5.81 -35.38 -5.59
C GLY A 60 5.17 -36.59 -6.23
N LYS A 61 3.96 -36.98 -5.80
CA LYS A 61 3.34 -38.21 -6.27
C LYS A 61 2.50 -37.91 -7.50
N THR A 62 3.19 -37.83 -8.64
CA THR A 62 2.52 -37.55 -9.91
C THR A 62 1.47 -38.58 -10.23
N ASP A 63 1.62 -39.81 -9.73
CA ASP A 63 0.68 -40.86 -10.09
C ASP A 63 -0.67 -40.64 -9.42
N CYS A 64 -0.66 -40.09 -8.21
CA CYS A 64 -1.86 -39.82 -7.42
C CYS A 64 -2.02 -38.31 -7.31
N SER A 65 -2.53 -37.70 -8.38
CA SER A 65 -2.86 -36.29 -8.35
C SER A 65 -3.83 -35.89 -7.23
N PRO A 66 -4.80 -36.71 -6.81
CA PRO A 66 -5.63 -36.30 -5.66
C PRO A 66 -4.82 -36.02 -4.41
N ILE A 67 -3.89 -36.91 -4.05
CA ILE A 67 -3.12 -36.69 -2.83
C ILE A 67 -2.17 -35.51 -2.99
N GLN A 68 -1.74 -35.22 -4.23
CA GLN A 68 -1.01 -33.98 -4.49
C GLN A 68 -1.87 -32.78 -4.12
N PHE A 69 -3.14 -32.79 -4.55
CA PHE A 69 -4.02 -31.67 -4.31
C PHE A 69 -4.34 -31.54 -2.81
N GLU A 70 -4.63 -32.67 -2.15
CA GLU A 70 -4.97 -32.62 -0.74
C GLU A 70 -3.79 -32.12 0.10
N SER A 71 -2.58 -32.58 -0.22
CA SER A 71 -1.40 -32.14 0.51
C SER A 71 -1.10 -30.67 0.28
N ALA A 72 -1.16 -30.22 -0.98
CA ALA A 72 -0.98 -28.81 -1.27
C ALA A 72 -2.01 -27.96 -0.55
N TRP A 73 -3.25 -28.44 -0.52
CA TRP A 73 -4.32 -27.82 0.25
C TRP A 73 -3.97 -27.73 1.73
N ALA A 74 -3.62 -28.87 2.34
CA ALA A 74 -3.27 -28.88 3.76
C ALA A 74 -2.07 -27.98 4.05
N LEU A 75 -1.04 -28.05 3.20
CA LEU A 75 0.15 -27.25 3.42
C LEU A 75 -0.13 -25.77 3.21
N THR A 76 -1.00 -25.43 2.26
CA THR A 76 -1.38 -24.04 2.05
C THR A 76 -1.90 -23.42 3.34
N ASN A 77 -2.75 -24.14 4.07
CA ASN A 77 -3.37 -23.57 5.25
C ASN A 77 -2.40 -23.52 6.44
N ILE A 78 -1.45 -24.44 6.51
CA ILE A 78 -0.39 -24.32 7.52
C ILE A 78 0.46 -23.08 7.24
N ALA A 79 0.80 -22.86 5.97
CA ALA A 79 1.58 -21.69 5.60
C ALA A 79 0.79 -20.38 5.73
N SER A 80 -0.52 -20.45 5.91
CA SER A 80 -1.34 -19.26 6.09
C SER A 80 -1.33 -18.74 7.52
N GLY A 81 -0.65 -19.42 8.42
CA GLY A 81 -0.64 -19.06 9.84
C GLY A 81 0.45 -18.09 10.20
N THR A 82 0.94 -18.23 11.43
CA THR A 82 2.00 -17.37 11.94
C THR A 82 3.30 -17.61 11.16
N SER A 83 4.27 -16.73 11.40
CA SER A 83 5.57 -16.87 10.74
C SER A 83 6.25 -18.18 11.10
N GLU A 84 6.07 -18.66 12.33
CA GLU A 84 6.67 -19.94 12.71
C GLU A 84 6.02 -21.09 11.96
N GLN A 85 4.70 -21.05 11.78
CA GLN A 85 4.02 -22.13 11.09
C GLN A 85 4.36 -22.14 9.61
N THR A 86 4.51 -20.96 9.00
CA THR A 86 5.02 -20.89 7.64
C THR A 86 6.45 -21.42 7.57
N LYS A 87 7.27 -21.09 8.57
CA LYS A 87 8.63 -21.61 8.64
C LYS A 87 8.66 -23.13 8.63
N ALA A 88 7.74 -23.76 9.37
CA ALA A 88 7.69 -25.22 9.41
C ALA A 88 7.43 -25.79 8.03
N VAL A 89 6.64 -25.10 7.21
CA VAL A 89 6.37 -25.56 5.86
C VAL A 89 7.61 -25.40 4.99
N VAL A 90 8.28 -24.24 5.08
CA VAL A 90 9.52 -24.04 4.33
C VAL A 90 10.59 -25.01 4.78
N ASP A 91 10.63 -25.31 6.09
CA ASP A 91 11.64 -26.22 6.61
C ASP A 91 11.44 -27.65 6.14
N GLY A 92 10.23 -28.03 5.74
CA GLY A 92 9.97 -29.35 5.21
C GLY A 92 10.30 -29.52 3.75
N GLY A 93 10.95 -28.54 3.13
CA GLY A 93 11.29 -28.62 1.73
C GLY A 93 10.17 -28.27 0.78
N ALA A 94 9.16 -27.52 1.25
CA ALA A 94 7.95 -27.34 0.46
C ALA A 94 8.16 -26.44 -0.76
N ILE A 95 9.10 -25.50 -0.70
CA ILE A 95 9.27 -24.53 -1.78
C ILE A 95 9.62 -25.22 -3.11
N PRO A 96 10.69 -26.02 -3.20
CA PRO A 96 10.95 -26.69 -4.49
C PRO A 96 9.83 -27.61 -4.93
N ALA A 97 9.15 -28.28 -4.00
CA ALA A 97 8.07 -29.18 -4.36
C ALA A 97 6.89 -28.41 -4.94
N PHE A 98 6.52 -27.28 -4.34
CA PHE A 98 5.43 -26.48 -4.86
C PHE A 98 5.75 -25.90 -6.24
N ILE A 99 7.02 -25.58 -6.47
CA ILE A 99 7.40 -24.99 -7.75
C ILE A 99 7.29 -26.03 -8.87
N SER A 100 7.63 -27.28 -8.58
CA SER A 100 7.41 -28.35 -9.56
C SER A 100 5.93 -28.51 -9.87
N LEU A 101 5.07 -28.34 -8.86
CA LEU A 101 3.63 -28.50 -9.06
C LEU A 101 3.04 -27.43 -9.97
N LEU A 102 3.74 -26.31 -10.17
CA LEU A 102 3.24 -25.28 -11.09
C LEU A 102 3.08 -25.82 -12.50
N ALA A 103 3.86 -26.85 -12.85
CA ALA A 103 3.78 -27.48 -14.17
C ALA A 103 2.72 -28.57 -14.24
N SER A 104 1.91 -28.74 -13.22
CA SER A 104 0.94 -29.83 -13.21
C SER A 104 -0.04 -29.68 -14.36
N PRO A 105 -0.35 -30.77 -15.08
CA PRO A 105 -1.39 -30.69 -16.12
C PRO A 105 -2.77 -30.44 -15.57
N HIS A 106 -2.97 -30.56 -14.26
CA HIS A 106 -4.26 -30.32 -13.63
C HIS A 106 -4.30 -28.88 -13.12
N ALA A 107 -5.28 -28.12 -13.60
CA ALA A 107 -5.33 -26.69 -13.29
C ALA A 107 -5.52 -26.43 -11.81
N HIS A 108 -6.37 -27.22 -11.14
CA HIS A 108 -6.64 -26.98 -9.73
C HIS A 108 -5.42 -27.26 -8.87
N ILE A 109 -4.53 -28.14 -9.31
CA ILE A 109 -3.33 -28.45 -8.54
C ILE A 109 -2.27 -27.37 -8.68
N SER A 110 -2.00 -26.93 -9.92
CA SER A 110 -1.08 -25.81 -10.12
C SER A 110 -1.59 -24.56 -9.44
N GLU A 111 -2.90 -24.33 -9.48
CA GLU A 111 -3.49 -23.20 -8.76
C GLU A 111 -3.22 -23.30 -7.27
N GLN A 112 -3.33 -24.51 -6.72
CA GLN A 112 -3.06 -24.68 -5.29
C GLN A 112 -1.60 -24.41 -4.97
N ALA A 113 -0.70 -24.77 -5.89
CA ALA A 113 0.71 -24.45 -5.69
C ALA A 113 0.95 -22.95 -5.73
N VAL A 114 0.29 -22.25 -6.67
CA VAL A 114 0.37 -20.79 -6.72
C VAL A 114 -0.04 -20.19 -5.39
N TRP A 115 -1.18 -20.64 -4.87
CA TRP A 115 -1.70 -20.14 -3.60
C TRP A 115 -0.71 -20.37 -2.46
N ALA A 116 -0.17 -21.58 -2.37
CA ALA A 116 0.75 -21.92 -1.28
C ALA A 116 2.01 -21.09 -1.35
N LEU A 117 2.56 -20.88 -2.55
CA LEU A 117 3.74 -20.04 -2.69
C LEU A 117 3.45 -18.59 -2.34
N GLY A 118 2.21 -18.14 -2.59
CA GLY A 118 1.84 -16.79 -2.17
C GLY A 118 1.82 -16.64 -0.66
N ASN A 119 1.39 -17.70 0.04
CA ASN A 119 1.40 -17.67 1.50
C ASN A 119 2.83 -17.66 2.04
N ILE A 120 3.72 -18.41 1.41
CA ILE A 120 5.12 -18.44 1.85
C ILE A 120 5.79 -17.10 1.59
N ALA A 121 5.66 -16.59 0.36
CA ALA A 121 6.23 -15.29 0.04
C ALA A 121 5.62 -14.18 0.89
N GLY A 122 4.32 -14.29 1.18
CA GLY A 122 3.64 -13.29 1.98
C GLY A 122 4.16 -13.15 3.40
N ASP A 123 5.02 -14.08 3.85
CA ASP A 123 5.52 -14.02 5.22
C ASP A 123 6.46 -12.83 5.41
N GLY A 124 7.31 -12.54 4.43
CA GLY A 124 8.22 -11.43 4.57
C GLY A 124 9.33 -11.49 3.54
N SER A 125 10.27 -10.55 3.69
CA SER A 125 11.32 -10.37 2.69
C SER A 125 12.14 -11.64 2.47
N ALA A 126 12.45 -12.36 3.55
CA ALA A 126 13.35 -13.51 3.45
C ALA A 126 12.71 -14.63 2.65
N PHE A 127 11.53 -15.08 3.06
CA PHE A 127 10.86 -16.16 2.32
C PHE A 127 10.47 -15.72 0.91
N ARG A 128 10.13 -14.44 0.73
CA ARG A 128 9.84 -13.94 -0.61
C ARG A 128 11.05 -14.09 -1.52
N ASP A 129 12.22 -13.64 -1.04
CA ASP A 129 13.43 -13.79 -1.84
C ASP A 129 13.86 -15.25 -1.94
N LEU A 130 13.56 -16.07 -0.93
CA LEU A 130 13.85 -17.49 -1.03
C LEU A 130 13.00 -18.16 -2.10
N VAL A 131 11.71 -17.82 -2.15
CA VAL A 131 10.83 -18.33 -3.21
C VAL A 131 11.39 -17.94 -4.58
N ILE A 132 11.92 -16.72 -4.69
CA ILE A 132 12.45 -16.27 -5.97
C ILE A 132 13.73 -17.02 -6.34
N LYS A 133 14.62 -17.23 -5.36
CA LYS A 133 15.87 -17.92 -5.65
C LYS A 133 15.65 -19.36 -6.08
N HIS A 134 14.56 -19.98 -5.61
CA HIS A 134 14.20 -21.30 -6.10
C HIS A 134 13.61 -21.27 -7.51
N GLY A 135 13.53 -20.09 -8.13
CA GLY A 135 13.10 -20.00 -9.52
C GLY A 135 11.60 -20.08 -9.72
N ALA A 136 10.82 -19.45 -8.85
CA ALA A 136 9.37 -19.53 -8.98
C ALA A 136 8.82 -18.60 -10.05
N ILE A 137 9.56 -17.55 -10.41
CA ILE A 137 8.98 -16.50 -11.25
C ILE A 137 8.77 -17.00 -12.67
N ASP A 138 9.72 -17.77 -13.22
CA ASP A 138 9.56 -18.27 -14.59
C ASP A 138 8.32 -19.14 -14.75
N PRO A 139 8.11 -20.20 -13.96
CA PRO A 139 6.89 -21.00 -14.14
C PRO A 139 5.61 -20.23 -13.81
N LEU A 140 5.66 -19.29 -12.88
CA LEU A 140 4.48 -18.49 -12.59
C LEU A 140 4.11 -17.62 -13.79
N LEU A 141 5.08 -16.87 -14.33
CA LEU A 141 4.80 -16.03 -15.49
C LEU A 141 4.37 -16.85 -16.69
N ALA A 142 4.92 -18.07 -16.83
CA ALA A 142 4.55 -18.92 -17.94
C ALA A 142 3.07 -19.28 -17.92
N LEU A 143 2.48 -19.33 -16.72
CA LEU A 143 1.05 -19.64 -16.62
C LEU A 143 0.18 -18.51 -17.16
N LEU A 144 0.71 -17.29 -17.21
CA LEU A 144 -0.03 -16.14 -17.73
C LEU A 144 0.35 -15.81 -19.17
N ALA A 145 1.08 -16.68 -19.85
CA ALA A 145 1.55 -16.41 -21.20
C ALA A 145 0.51 -16.87 -22.24
N VAL A 146 -0.64 -16.21 -22.17
CA VAL A 146 -1.71 -16.39 -23.16
C VAL A 146 -1.90 -15.05 -23.85
N PRO A 147 -2.42 -15.05 -25.09
CA PRO A 147 -2.66 -13.77 -25.77
C PRO A 147 -3.77 -12.96 -25.13
N ASP A 148 -4.75 -13.60 -24.50
CA ASP A 148 -5.87 -12.91 -23.87
C ASP A 148 -6.11 -13.53 -22.50
N LEU A 149 -5.95 -12.72 -21.45
CA LEU A 149 -6.20 -13.21 -20.10
C LEU A 149 -7.64 -13.67 -19.90
N SER A 150 -8.56 -13.20 -20.75
CA SER A 150 -9.97 -13.52 -20.57
C SER A 150 -10.27 -15.00 -20.79
N THR A 151 -9.36 -15.74 -21.42
CA THR A 151 -9.55 -17.18 -21.60
C THR A 151 -9.12 -17.99 -20.39
N LEU A 152 -8.60 -17.35 -19.34
CA LEU A 152 -8.24 -18.03 -18.12
C LEU A 152 -9.40 -18.04 -17.14
N ALA A 153 -9.49 -19.09 -16.34
CA ALA A 153 -10.54 -19.18 -15.33
C ALA A 153 -10.39 -18.07 -14.30
N CYS A 154 -11.53 -17.53 -13.87
CA CYS A 154 -11.52 -16.30 -13.07
C CYS A 154 -10.76 -16.48 -11.76
N GLY A 155 -11.11 -17.52 -10.98
CA GLY A 155 -10.42 -17.75 -9.73
C GLY A 155 -8.97 -18.11 -9.92
N TYR A 156 -8.65 -18.81 -11.00
CA TYR A 156 -7.26 -19.11 -11.35
C TYR A 156 -6.45 -17.84 -11.53
N LEU A 157 -7.01 -16.87 -12.27
CA LEU A 157 -6.30 -15.62 -12.56
C LEU A 157 -6.11 -14.80 -11.29
N ARG A 158 -7.11 -14.79 -10.42
CA ARG A 158 -7.02 -13.97 -9.21
C ARG A 158 -5.98 -14.50 -8.24
N ASN A 159 -5.72 -15.81 -8.26
CA ASN A 159 -4.71 -16.39 -7.38
C ASN A 159 -3.30 -16.07 -7.89
N LEU A 160 -3.06 -16.28 -9.18
CA LEU A 160 -1.87 -15.73 -9.85
C LEU A 160 -1.60 -14.27 -9.49
N THR A 161 -2.59 -13.40 -9.70
CA THR A 161 -2.38 -11.98 -9.43
C THR A 161 -1.98 -11.75 -7.97
N TRP A 162 -2.70 -12.40 -7.04
CA TRP A 162 -2.41 -12.21 -5.63
C TRP A 162 -1.02 -12.71 -5.26
N THR A 163 -0.62 -13.87 -5.79
CA THR A 163 0.69 -14.40 -5.47
C THR A 163 1.79 -13.50 -6.03
N LEU A 164 1.63 -13.04 -7.28
CA LEU A 164 2.61 -12.13 -7.86
C LEU A 164 2.75 -10.85 -7.04
N SER A 165 1.64 -10.34 -6.52
CA SER A 165 1.68 -9.13 -5.69
C SER A 165 2.49 -9.35 -4.43
N ASN A 166 2.44 -10.55 -3.86
CA ASN A 166 3.25 -10.84 -2.69
C ASN A 166 4.73 -10.88 -3.03
N LEU A 167 5.08 -11.32 -4.24
CA LEU A 167 6.48 -11.27 -4.67
C LEU A 167 6.98 -9.84 -4.83
N CYS A 168 6.08 -8.87 -5.04
CA CYS A 168 6.44 -7.48 -5.10
C CYS A 168 6.44 -6.80 -3.73
N ARG A 169 6.01 -7.50 -2.70
CA ARG A 169 5.69 -6.90 -1.42
C ARG A 169 6.91 -6.84 -0.50
N ASN A 170 6.83 -5.92 0.47
CA ASN A 170 7.77 -5.76 1.59
C ASN A 170 9.05 -5.05 1.20
N LYS A 171 9.66 -4.39 2.17
CA LYS A 171 10.95 -3.72 2.04
C LYS A 171 11.94 -4.35 3.03
N ASN A 172 13.08 -3.69 3.19
CA ASN A 172 14.19 -4.15 4.03
C ASN A 172 14.49 -5.64 3.81
N PRO A 173 14.88 -6.05 2.60
CA PRO A 173 15.02 -5.25 1.37
C PRO A 173 13.81 -5.37 0.44
N ALA A 174 13.75 -4.53 -0.59
CA ALA A 174 12.75 -4.66 -1.62
C ALA A 174 13.13 -5.83 -2.53
N PRO A 175 12.16 -6.34 -3.31
CA PRO A 175 12.47 -7.48 -4.17
C PRO A 175 13.61 -7.18 -5.07
N PRO A 176 14.36 -8.19 -5.55
CA PRO A 176 15.53 -7.94 -6.38
C PRO A 176 15.17 -7.25 -7.68
N LEU A 177 16.07 -6.39 -8.17
CA LEU A 177 15.77 -5.54 -9.32
C LEU A 177 15.42 -6.37 -10.55
N ASP A 178 16.19 -7.43 -10.81
CA ASP A 178 15.92 -8.24 -11.99
C ASP A 178 14.64 -9.06 -11.85
N ALA A 179 14.22 -9.34 -10.62
CA ALA A 179 12.94 -10.03 -10.43
C ALA A 179 11.77 -9.11 -10.76
N VAL A 180 11.88 -7.82 -10.43
CA VAL A 180 10.75 -6.93 -10.69
C VAL A 180 10.71 -6.57 -12.17
N GLU A 181 11.87 -6.36 -12.80
CA GLU A 181 11.92 -6.20 -14.25
C GLU A 181 11.24 -7.36 -14.95
N GLN A 182 11.43 -8.58 -14.40
CA GLN A 182 10.84 -9.77 -14.99
C GLN A 182 9.32 -9.78 -14.82
N ILE A 183 8.84 -9.25 -13.69
CA ILE A 183 7.41 -9.37 -13.36
C ILE A 183 6.60 -8.26 -14.02
N LEU A 184 7.15 -7.05 -14.07
CA LEU A 184 6.40 -5.86 -14.51
C LEU A 184 5.58 -6.05 -15.78
N PRO A 185 6.09 -6.62 -16.88
CA PRO A 185 5.26 -6.71 -18.10
C PRO A 185 3.96 -7.44 -17.89
N THR A 186 4.00 -8.58 -17.21
CA THR A 186 2.79 -9.27 -16.81
C THR A 186 1.94 -8.41 -15.89
N LEU A 187 2.57 -7.70 -14.97
CA LEU A 187 1.84 -6.93 -13.95
C LEU A 187 1.03 -5.81 -14.59
N VAL A 188 1.57 -5.20 -15.65
CA VAL A 188 0.85 -4.15 -16.36
C VAL A 188 -0.33 -4.74 -17.13
N ARG A 189 -0.16 -5.95 -17.68
CA ARG A 189 -1.29 -6.65 -18.30
C ARG A 189 -2.42 -6.86 -17.31
N LEU A 190 -2.09 -7.39 -16.12
CA LEU A 190 -3.11 -7.59 -15.10
C LEU A 190 -3.73 -6.27 -14.67
N LEU A 191 -2.98 -5.17 -14.78
CA LEU A 191 -3.50 -3.85 -14.43
C LEU A 191 -4.53 -3.36 -15.43
N HIS A 192 -4.54 -3.90 -16.65
CA HIS A 192 -5.53 -3.53 -17.66
C HIS A 192 -6.63 -4.56 -17.80
N HIS A 193 -6.62 -5.62 -16.99
CA HIS A 193 -7.67 -6.61 -17.01
C HIS A 193 -8.95 -6.04 -16.39
N ASN A 194 -10.09 -6.61 -16.76
CA ASN A 194 -11.37 -6.03 -16.41
C ASN A 194 -12.04 -6.71 -15.21
N ASP A 195 -11.27 -7.40 -14.39
CA ASP A 195 -11.87 -8.00 -13.20
C ASP A 195 -11.49 -7.19 -11.97
N PRO A 196 -12.47 -6.81 -11.13
CA PRO A 196 -12.13 -5.90 -10.00
C PRO A 196 -11.14 -6.50 -9.02
N GLU A 197 -11.32 -7.76 -8.63
CA GLU A 197 -10.38 -8.46 -7.75
C GLU A 197 -8.99 -8.48 -8.34
N VAL A 198 -8.87 -8.74 -9.65
CA VAL A 198 -7.55 -8.73 -10.30
C VAL A 198 -6.98 -7.32 -10.33
N LEU A 199 -7.82 -6.33 -10.65
CA LEU A 199 -7.36 -4.95 -10.68
C LEU A 199 -6.84 -4.49 -9.32
N ALA A 200 -7.53 -4.88 -8.25
CA ALA A 200 -7.16 -4.44 -6.91
C ALA A 200 -5.78 -4.95 -6.52
N ASP A 201 -5.53 -6.25 -6.72
CA ASP A 201 -4.24 -6.82 -6.35
C ASP A 201 -3.13 -6.33 -7.27
N SER A 202 -3.43 -6.09 -8.54
CA SER A 202 -2.44 -5.48 -9.43
C SER A 202 -2.07 -4.09 -8.94
N CYS A 203 -3.05 -3.30 -8.53
CA CYS A 203 -2.78 -1.97 -7.97
C CYS A 203 -1.95 -2.07 -6.70
N TRP A 204 -2.22 -3.07 -5.88
CA TRP A 204 -1.42 -3.26 -4.67
C TRP A 204 0.04 -3.54 -5.01
N ALA A 205 0.27 -4.43 -5.97
CA ALA A 205 1.64 -4.73 -6.40
C ALA A 205 2.35 -3.46 -6.87
N ILE A 206 1.68 -2.66 -7.70
CA ILE A 206 2.28 -1.42 -8.19
C ILE A 206 2.59 -0.48 -7.03
N SER A 207 1.70 -0.45 -6.03
CA SER A 207 1.93 0.42 -4.87
C SER A 207 3.13 -0.05 -4.07
N TYR A 208 3.34 -1.37 -3.96
CA TYR A 208 4.54 -1.87 -3.31
C TYR A 208 5.79 -1.48 -4.10
N LEU A 209 5.76 -1.64 -5.42
CA LEU A 209 6.94 -1.37 -6.23
C LEU A 209 7.30 0.11 -6.25
N THR A 210 6.32 0.99 -6.09
CA THR A 210 6.57 2.42 -6.06
C THR A 210 6.88 2.93 -4.65
N ASP A 211 6.95 2.04 -3.67
CA ASP A 211 7.25 2.41 -2.28
C ASP A 211 8.74 2.21 -2.06
N GLY A 212 9.52 3.20 -2.51
CA GLY A 212 10.95 3.16 -2.34
C GLY A 212 11.65 4.34 -3.00
N PRO A 213 12.93 4.17 -3.31
CA PRO A 213 13.69 5.27 -3.92
C PRO A 213 13.19 5.60 -5.32
N ASN A 214 13.65 6.74 -5.83
CA ASN A 214 13.19 7.23 -7.12
C ASN A 214 13.55 6.28 -8.26
N GLU A 215 14.60 5.47 -8.07
CA GLU A 215 14.97 4.50 -9.09
C GLU A 215 13.88 3.44 -9.26
N ARG A 216 13.27 3.00 -8.16
CA ARG A 216 12.17 2.05 -8.26
C ARG A 216 10.93 2.70 -8.86
N ILE A 217 10.63 3.94 -8.45
CA ILE A 217 9.51 4.67 -9.02
C ILE A 217 9.65 4.78 -10.52
N GLU A 218 10.84 5.19 -10.98
CA GLU A 218 11.06 5.38 -12.41
C GLU A 218 10.80 4.10 -13.18
N MET A 219 11.19 2.96 -12.61
CA MET A 219 11.04 1.68 -13.27
C MET A 219 9.58 1.35 -13.54
N VAL A 220 8.68 1.80 -12.66
CA VAL A 220 7.25 1.62 -12.88
C VAL A 220 6.69 2.67 -13.83
N VAL A 221 7.09 3.94 -13.65
CA VAL A 221 6.59 5.00 -14.52
C VAL A 221 7.00 4.71 -15.94
N LYS A 222 8.16 4.12 -16.12
CA LYS A 222 8.65 3.88 -17.49
C LYS A 222 7.78 2.84 -18.20
N LYS A 223 7.01 2.03 -17.48
CA LYS A 223 6.16 1.01 -18.13
C LYS A 223 4.83 1.61 -18.57
N GLY A 224 4.57 2.84 -18.18
CA GLY A 224 3.43 3.58 -18.71
C GLY A 224 2.15 3.38 -17.96
N VAL A 225 2.22 3.07 -16.66
CA VAL A 225 1.03 2.71 -15.91
C VAL A 225 0.29 3.90 -15.32
N VAL A 226 0.92 5.08 -15.27
CA VAL A 226 0.27 6.23 -14.62
C VAL A 226 -1.10 6.55 -15.21
N PRO A 227 -1.28 6.60 -16.55
CA PRO A 227 -2.63 6.82 -17.07
C PRO A 227 -3.64 5.79 -16.60
N GLN A 228 -3.23 4.52 -16.48
CA GLN A 228 -4.16 3.50 -16.01
C GLN A 228 -4.42 3.64 -14.51
N LEU A 229 -3.39 4.02 -13.74
CA LEU A 229 -3.60 4.25 -12.32
C LEU A 229 -4.58 5.39 -12.08
N VAL A 230 -4.52 6.43 -12.91
CA VAL A 230 -5.43 7.55 -12.76
C VAL A 230 -6.86 7.13 -13.06
N LYS A 231 -7.06 6.30 -14.08
CA LYS A 231 -8.40 5.81 -14.38
C LYS A 231 -8.95 4.96 -13.25
N LEU A 232 -8.14 4.06 -12.70
CA LEU A 232 -8.56 3.29 -11.53
C LEU A 232 -8.75 4.18 -10.31
N LEU A 233 -8.10 5.34 -10.27
CA LEU A 233 -8.35 6.30 -9.20
C LEU A 233 -9.80 6.76 -9.19
N GLY A 234 -10.43 6.81 -10.36
CA GLY A 234 -11.82 7.22 -10.48
C GLY A 234 -12.84 6.11 -10.39
N ALA A 235 -12.43 4.90 -10.04
CA ALA A 235 -13.36 3.79 -9.96
C ALA A 235 -14.33 3.96 -8.80
N THR A 236 -15.47 3.28 -8.89
CA THR A 236 -16.45 3.31 -7.81
C THR A 236 -16.14 2.29 -6.71
N GLU A 237 -15.23 1.35 -6.96
CA GLU A 237 -14.92 0.28 -6.01
C GLU A 237 -13.81 0.75 -5.09
N LEU A 238 -14.14 0.88 -3.80
CA LEU A 238 -13.15 1.27 -2.81
C LEU A 238 -11.93 0.35 -2.76
N PRO A 239 -12.06 -0.98 -2.88
CA PRO A 239 -10.85 -1.82 -2.91
C PRO A 239 -9.94 -1.57 -4.11
N ILE A 240 -10.42 -0.86 -5.14
CA ILE A 240 -9.55 -0.48 -6.24
C ILE A 240 -8.95 0.91 -6.02
N VAL A 241 -9.77 1.86 -5.58
CA VAL A 241 -9.28 3.23 -5.36
C VAL A 241 -8.16 3.25 -4.33
N THR A 242 -8.32 2.47 -3.26
CA THR A 242 -7.37 2.51 -2.14
C THR A 242 -5.94 2.22 -2.61
N PRO A 243 -5.66 1.08 -3.27
CA PRO A 243 -4.28 0.86 -3.73
C PRO A 243 -3.86 1.78 -4.86
N ALA A 244 -4.79 2.21 -5.72
CA ALA A 244 -4.45 3.13 -6.79
C ALA A 244 -3.99 4.47 -6.24
N LEU A 245 -4.72 4.99 -5.25
CA LEU A 245 -4.33 6.26 -4.63
C LEU A 245 -2.98 6.13 -3.92
N ARG A 246 -2.74 4.99 -3.28
CA ARG A 246 -1.45 4.77 -2.63
C ARG A 246 -0.31 4.78 -3.65
N ALA A 247 -0.50 4.13 -4.80
CA ALA A 247 0.54 4.10 -5.82
C ALA A 247 0.80 5.50 -6.38
N ILE A 248 -0.27 6.24 -6.67
CA ILE A 248 -0.11 7.63 -7.12
C ILE A 248 0.60 8.46 -6.06
N GLY A 249 0.21 8.30 -4.79
CA GLY A 249 0.87 9.01 -3.72
C GLY A 249 2.34 8.64 -3.59
N ASN A 250 2.66 7.36 -3.83
CA ASN A 250 4.06 6.95 -3.82
C ASN A 250 4.83 7.59 -4.96
N ILE A 251 4.20 7.70 -6.14
CA ILE A 251 4.90 8.23 -7.31
C ILE A 251 5.22 9.71 -7.15
N VAL A 252 4.35 10.48 -6.48
CA VAL A 252 4.62 11.90 -6.30
C VAL A 252 5.59 12.18 -5.16
N THR A 253 6.09 11.15 -4.48
CA THR A 253 7.22 11.34 -3.57
C THR A 253 8.55 11.39 -4.31
N GLY A 254 8.56 11.05 -5.60
CA GLY A 254 9.77 11.05 -6.38
C GLY A 254 10.13 12.42 -6.91
N THR A 255 10.78 12.44 -8.08
CA THR A 255 11.25 13.67 -8.66
C THR A 255 10.08 14.53 -9.15
N ASP A 256 10.39 15.78 -9.50
CA ASP A 256 9.38 16.71 -9.97
C ASP A 256 8.82 16.28 -11.33
N GLU A 257 9.64 15.63 -12.16
CA GLU A 257 9.17 15.15 -13.46
C GLU A 257 8.41 13.83 -13.35
N GLN A 258 8.73 12.99 -12.35
CA GLN A 258 7.88 11.85 -12.06
C GLN A 258 6.51 12.30 -11.55
N THR A 259 6.50 13.37 -10.74
CA THR A 259 5.25 13.96 -10.30
C THR A 259 4.48 14.56 -11.47
N GLN A 260 5.20 15.12 -12.44
CA GLN A 260 4.55 15.74 -13.60
C GLN A 260 3.76 14.72 -14.41
N LYS A 261 4.25 13.48 -14.51
CA LYS A 261 3.53 12.45 -15.24
C LYS A 261 2.18 12.16 -14.61
N VAL A 262 2.07 12.31 -13.29
CA VAL A 262 0.79 12.10 -12.62
C VAL A 262 -0.15 13.26 -12.90
N ILE A 263 0.39 14.48 -12.98
CA ILE A 263 -0.43 15.64 -13.29
C ILE A 263 -0.89 15.60 -14.75
N ASP A 264 0.02 15.24 -15.67
CA ASP A 264 -0.34 15.18 -17.08
C ASP A 264 -1.40 14.13 -17.35
N ALA A 265 -1.41 13.04 -16.58
CA ALA A 265 -2.42 12.01 -16.75
C ALA A 265 -3.80 12.44 -16.25
N GLY A 266 -3.89 13.61 -15.61
CA GLY A 266 -5.17 14.13 -15.17
C GLY A 266 -5.56 13.79 -13.76
N ALA A 267 -4.61 13.45 -12.90
CA ALA A 267 -4.96 12.92 -11.58
C ALA A 267 -5.66 13.98 -10.72
N LEU A 268 -5.29 15.25 -10.89
CA LEU A 268 -5.83 16.29 -10.01
C LEU A 268 -7.34 16.44 -10.16
N ALA A 269 -7.89 16.10 -11.34
CA ALA A 269 -9.33 16.23 -11.56
C ALA A 269 -10.14 15.30 -10.67
N VAL A 270 -9.53 14.24 -10.14
CA VAL A 270 -10.24 13.31 -9.27
C VAL A 270 -10.25 13.76 -7.81
N PHE A 271 -9.36 14.66 -7.43
CA PHE A 271 -9.10 14.96 -6.03
C PHE A 271 -10.19 15.76 -5.31
N PRO A 272 -11.04 16.55 -5.98
CA PRO A 272 -12.23 17.06 -5.28
C PRO A 272 -13.04 15.93 -4.65
N SER A 273 -13.16 14.80 -5.34
CA SER A 273 -13.85 13.66 -4.79
C SER A 273 -13.05 13.03 -3.65
N LEU A 274 -11.74 12.86 -3.85
CA LEU A 274 -10.92 12.18 -2.86
C LEU A 274 -10.80 12.99 -1.57
N LEU A 275 -10.70 14.31 -1.69
CA LEU A 275 -10.54 15.14 -0.50
C LEU A 275 -11.84 15.36 0.26
N THR A 276 -12.99 14.91 -0.29
CA THR A 276 -14.26 14.89 0.45
C THR A 276 -14.79 13.47 0.61
N ASN A 277 -13.94 12.46 0.43
CA ASN A 277 -14.41 11.08 0.49
C ASN A 277 -14.88 10.74 1.90
N PRO A 278 -15.97 9.99 2.05
CA PRO A 278 -16.43 9.63 3.40
C PRO A 278 -15.52 8.65 4.12
N LYS A 279 -14.62 7.97 3.41
CA LYS A 279 -13.67 7.05 4.04
C LYS A 279 -12.46 7.84 4.51
N THR A 280 -12.18 7.76 5.82
CA THR A 280 -11.12 8.57 6.41
C THR A 280 -9.79 8.35 5.72
N ASN A 281 -9.44 7.09 5.45
CA ASN A 281 -8.14 6.79 4.89
C ASN A 281 -7.96 7.40 3.49
N ILE A 282 -9.03 7.42 2.69
CA ILE A 282 -8.96 8.06 1.38
C ILE A 282 -8.60 9.53 1.53
N GLN A 283 -9.30 10.22 2.43
CA GLN A 283 -9.02 11.64 2.67
C GLN A 283 -7.57 11.85 3.09
N LYS A 284 -7.08 11.07 4.05
CA LYS A 284 -5.71 11.22 4.52
C LYS A 284 -4.71 11.00 3.39
N GLU A 285 -4.84 9.88 2.68
CA GLU A 285 -3.92 9.57 1.60
C GLU A 285 -3.99 10.62 0.50
N ALA A 286 -5.21 11.10 0.20
CA ALA A 286 -5.36 12.13 -0.82
C ALA A 286 -4.70 13.43 -0.38
N THR A 287 -4.87 13.81 0.89
CA THR A 287 -4.21 15.01 1.39
C THR A 287 -2.70 14.83 1.44
N TRP A 288 -2.24 13.64 1.82
CA TRP A 288 -0.81 13.34 1.81
C TRP A 288 -0.24 13.49 0.40
N THR A 289 -0.94 12.94 -0.58
CA THR A 289 -0.54 13.12 -1.98
C THR A 289 -0.48 14.61 -2.34
N MET A 290 -1.51 15.36 -1.97
CA MET A 290 -1.53 16.80 -2.19
C MET A 290 -0.30 17.47 -1.58
N SER A 291 0.06 17.07 -0.36
CA SER A 291 1.22 17.66 0.31
C SER A 291 2.50 17.46 -0.47
N ASN A 292 2.64 16.32 -1.14
CA ASN A 292 3.83 16.05 -1.94
C ASN A 292 3.76 16.69 -3.32
N ILE A 293 2.59 17.19 -3.74
CA ILE A 293 2.51 17.92 -5.01
C ILE A 293 2.80 19.40 -4.80
N THR A 294 2.25 19.99 -3.74
CA THR A 294 2.64 21.36 -3.38
C THR A 294 4.08 21.45 -2.85
N ALA A 295 4.81 20.34 -2.75
CA ALA A 295 6.25 20.40 -2.50
C ALA A 295 7.05 20.48 -3.80
N GLY A 296 6.37 20.54 -4.93
CA GLY A 296 7.03 20.52 -6.21
C GLY A 296 7.31 21.89 -6.78
N ARG A 297 7.35 21.94 -8.11
CA ARG A 297 7.72 23.12 -8.87
C ARG A 297 6.60 24.17 -8.76
N GLN A 298 6.92 25.41 -9.10
CA GLN A 298 5.88 26.45 -9.01
C GLN A 298 4.79 26.24 -10.03
N ASP A 299 5.12 25.72 -11.22
CA ASP A 299 4.06 25.41 -12.18
C ASP A 299 3.20 24.25 -11.71
N GLN A 300 3.75 23.37 -10.87
CA GLN A 300 2.95 22.29 -10.31
C GLN A 300 2.02 22.79 -9.21
N ILE A 301 2.47 23.76 -8.42
CA ILE A 301 1.56 24.44 -7.49
C ILE A 301 0.47 25.16 -8.26
N GLN A 302 0.83 25.73 -9.42
CA GLN A 302 -0.16 26.44 -10.22
C GLN A 302 -1.26 25.52 -10.73
N GLN A 303 -0.93 24.25 -11.01
CA GLN A 303 -1.95 23.32 -11.46
C GLN A 303 -2.90 22.94 -10.32
N VAL A 304 -2.37 22.84 -9.10
CA VAL A 304 -3.22 22.66 -7.93
C VAL A 304 -4.23 23.80 -7.84
N VAL A 305 -3.77 25.04 -8.08
CA VAL A 305 -4.65 26.19 -8.01
C VAL A 305 -5.67 26.16 -9.14
N ASN A 306 -5.22 25.88 -10.36
CA ASN A 306 -6.10 25.93 -11.52
C ASN A 306 -7.20 24.88 -11.42
N HIS A 307 -6.89 23.70 -10.88
CA HIS A 307 -7.89 22.66 -10.68
C HIS A 307 -8.81 22.94 -9.51
N GLY A 308 -8.70 24.11 -8.88
CA GLY A 308 -9.59 24.49 -7.81
C GLY A 308 -9.42 23.72 -6.52
N LEU A 309 -8.22 23.21 -6.25
CA LEU A 309 -8.00 22.34 -5.10
C LEU A 309 -7.67 23.09 -3.82
N VAL A 310 -7.31 24.37 -3.90
CA VAL A 310 -6.98 25.13 -2.68
C VAL A 310 -8.18 25.25 -1.75
N PRO A 311 -9.39 25.57 -2.21
CA PRO A 311 -10.54 25.53 -1.29
C PRO A 311 -10.77 24.17 -0.67
N PHE A 312 -10.44 23.09 -1.38
CA PHE A 312 -10.62 21.76 -0.81
C PHE A 312 -9.59 21.49 0.28
N LEU A 313 -8.37 22.02 0.12
CA LEU A 313 -7.40 21.92 1.21
C LEU A 313 -7.80 22.76 2.40
N VAL A 314 -8.44 23.91 2.15
CA VAL A 314 -8.92 24.75 3.25
C VAL A 314 -10.03 24.01 4.02
N GLY A 315 -10.88 23.28 3.29
CA GLY A 315 -11.96 22.56 3.94
C GLY A 315 -11.47 21.37 4.76
N VAL A 316 -10.51 20.62 4.22
CA VAL A 316 -9.97 19.49 4.97
C VAL A 316 -9.19 19.99 6.18
N LEU A 317 -8.55 21.15 6.06
CA LEU A 317 -7.90 21.77 7.22
C LEU A 317 -8.93 22.17 8.26
N SER A 318 -10.08 22.67 7.82
CA SER A 318 -11.09 23.17 8.73
C SER A 318 -11.78 22.03 9.49
N LYS A 319 -12.20 20.99 8.77
CA LYS A 319 -12.96 19.90 9.38
C LYS A 319 -12.50 18.58 8.78
N ALA A 320 -11.81 17.77 9.58
CA ALA A 320 -11.41 16.43 9.19
C ALA A 320 -10.87 15.70 10.41
N ASP A 321 -10.72 14.39 10.26
CA ASP A 321 -9.94 13.60 11.21
C ASP A 321 -8.58 14.24 11.42
N PHE A 322 -8.06 14.14 12.65
CA PHE A 322 -6.85 14.89 13.00
C PHE A 322 -5.67 14.49 12.14
N LYS A 323 -5.51 13.20 11.85
CA LYS A 323 -4.41 12.77 11.00
C LYS A 323 -4.50 13.40 9.62
N THR A 324 -5.72 13.55 9.10
CA THR A 324 -5.89 14.22 7.82
C THR A 324 -5.57 15.71 7.94
N GLN A 325 -5.99 16.35 9.03
CA GLN A 325 -5.65 17.75 9.25
C GLN A 325 -4.15 17.94 9.35
N LYS A 326 -3.45 16.96 9.94
CA LYS A 326 -2.00 17.02 10.01
C LYS A 326 -1.39 17.04 8.61
N GLU A 327 -1.88 16.17 7.72
CA GLU A 327 -1.38 16.16 6.34
C GLU A 327 -1.72 17.47 5.63
N ALA A 328 -2.89 18.04 5.92
CA ALA A 328 -3.26 19.31 5.31
C ALA A 328 -2.31 20.43 5.71
N ALA A 329 -1.91 20.45 6.98
CA ALA A 329 -0.95 21.46 7.43
C ALA A 329 0.37 21.32 6.69
N TRP A 330 0.84 20.08 6.49
CA TRP A 330 2.05 19.87 5.70
C TRP A 330 1.88 20.36 4.28
N ALA A 331 0.71 20.12 3.69
CA ALA A 331 0.45 20.59 2.33
C ALA A 331 0.59 22.11 2.22
N ILE A 332 0.09 22.83 3.22
CA ILE A 332 0.14 24.29 3.17
C ILE A 332 1.56 24.79 3.41
N THR A 333 2.28 24.18 4.35
CA THR A 333 3.67 24.58 4.59
C THR A 333 4.51 24.37 3.33
N ASN A 334 4.33 23.23 2.65
CA ASN A 334 5.03 23.01 1.39
C ASN A 334 4.58 24.02 0.33
N TYR A 335 3.26 24.26 0.25
CA TYR A 335 2.73 25.30 -0.62
C TYR A 335 3.35 26.66 -0.31
N THR A 336 3.36 27.04 0.98
CA THR A 336 3.90 28.35 1.34
C THR A 336 5.41 28.39 1.21
N SER A 337 6.09 27.24 1.25
CA SER A 337 7.55 27.24 1.12
C SER A 337 7.98 27.51 -0.31
N GLY A 338 7.28 26.94 -1.29
CA GLY A 338 7.74 26.98 -2.67
C GLY A 338 6.95 27.88 -3.59
N GLY A 339 5.80 28.38 -3.14
CA GLY A 339 4.94 29.14 -4.02
C GLY A 339 5.43 30.57 -4.22
N THR A 340 5.04 31.16 -5.35
CA THR A 340 5.22 32.59 -5.55
C THR A 340 4.37 33.35 -4.55
N VAL A 341 4.65 34.66 -4.42
CA VAL A 341 3.85 35.43 -3.48
C VAL A 341 2.42 35.54 -3.97
N GLU A 342 2.18 35.34 -5.26
CA GLU A 342 0.82 35.58 -5.72
C GLU A 342 -0.01 34.32 -5.59
N GLN A 343 0.64 33.15 -5.54
CA GLN A 343 -0.04 31.95 -5.05
C GLN A 343 -0.26 31.99 -3.54
N ILE A 344 0.63 32.66 -2.81
CA ILE A 344 0.44 32.82 -1.36
C ILE A 344 -0.75 33.73 -1.09
N VAL A 345 -0.75 34.92 -1.70
CA VAL A 345 -1.91 35.82 -1.66
C VAL A 345 -3.19 35.07 -1.98
N TYR A 346 -3.18 34.27 -3.04
CA TYR A 346 -4.38 33.50 -3.37
C TYR A 346 -4.76 32.57 -2.23
N LEU A 347 -3.77 31.94 -1.60
CA LEU A 347 -4.06 31.03 -0.50
C LEU A 347 -4.71 31.75 0.68
N VAL A 348 -4.29 33.00 0.95
CA VAL A 348 -4.89 33.75 2.04
C VAL A 348 -6.32 34.14 1.70
N HIS A 349 -6.58 34.52 0.45
CA HIS A 349 -7.93 34.89 0.05
C HIS A 349 -8.88 33.71 0.00
N CYS A 350 -8.37 32.48 0.04
CA CYS A 350 -9.23 31.30 0.13
C CYS A 350 -9.64 30.98 1.55
N GLY A 351 -9.14 31.71 2.54
CA GLY A 351 -9.54 31.55 3.91
C GLY A 351 -8.66 30.66 4.76
N ILE A 352 -7.35 30.62 4.50
CA ILE A 352 -6.49 29.65 5.18
C ILE A 352 -6.22 30.06 6.62
N ILE A 353 -6.30 31.36 6.95
CA ILE A 353 -5.73 31.85 8.20
C ILE A 353 -6.43 31.22 9.40
N GLU A 354 -7.76 31.28 9.42
CA GLU A 354 -8.51 30.92 10.63
C GLU A 354 -8.60 29.41 10.88
N PRO A 355 -8.76 28.54 9.88
CA PRO A 355 -8.58 27.12 10.17
C PRO A 355 -7.17 26.82 10.61
N LEU A 356 -6.19 27.59 10.13
CA LEU A 356 -4.80 27.39 10.50
C LEU A 356 -4.54 27.86 11.93
N MET A 357 -5.22 28.92 12.37
CA MET A 357 -5.08 29.37 13.75
C MET A 357 -5.76 28.42 14.72
N ASN A 358 -6.88 27.81 14.32
CA ASN A 358 -7.59 26.92 15.22
C ASN A 358 -6.79 25.67 15.56
N LEU A 359 -5.94 25.22 14.63
CA LEU A 359 -5.12 24.03 14.87
C LEU A 359 -3.91 24.32 15.76
N LEU A 360 -3.74 25.55 16.22
CA LEU A 360 -2.64 25.87 17.13
C LEU A 360 -2.92 25.46 18.56
N SER A 361 -4.15 25.06 18.88
CA SER A 361 -4.51 24.58 20.20
C SER A 361 -4.49 23.06 20.30
N ALA A 362 -4.10 22.36 19.25
CA ALA A 362 -4.00 20.91 19.30
C ALA A 362 -2.84 20.50 20.20
N LYS A 363 -3.00 19.37 20.86
CA LYS A 363 -2.01 18.84 21.79
C LYS A 363 -0.88 18.08 21.10
N ASP A 364 -0.63 18.33 19.82
CA ASP A 364 0.44 17.69 19.07
C ASP A 364 1.53 18.72 18.80
N THR A 365 2.78 18.37 19.15
CA THR A 365 3.89 19.29 19.02
C THR A 365 4.35 19.48 17.58
N LYS A 366 4.18 18.45 16.73
CA LYS A 366 4.71 18.53 15.37
C LYS A 366 3.80 19.36 14.47
N ILE A 367 2.49 19.16 14.54
CA ILE A 367 1.58 19.95 13.70
C ILE A 367 1.69 21.43 14.06
N ILE A 368 1.89 21.73 15.35
CA ILE A 368 2.12 23.11 15.75
C ILE A 368 3.35 23.66 15.02
N GLN A 369 4.47 22.92 15.09
CA GLN A 369 5.71 23.36 14.46
C GLN A 369 5.52 23.63 12.97
N VAL A 370 4.76 22.79 12.27
CA VAL A 370 4.65 23.00 10.83
C VAL A 370 3.76 24.21 10.56
N ILE A 371 2.79 24.46 11.45
CA ILE A 371 1.88 25.58 11.25
C ILE A 371 2.61 26.90 11.49
N LEU A 372 3.45 26.97 12.52
CA LEU A 372 4.19 28.21 12.74
C LEU A 372 5.06 28.49 11.53
N ASP A 373 5.56 27.43 10.91
CA ASP A 373 6.56 27.57 9.86
C ASP A 373 5.88 28.09 8.60
N ALA A 374 4.62 27.71 8.41
CA ALA A 374 3.78 28.26 7.33
C ALA A 374 3.31 29.68 7.62
N ILE A 375 3.06 30.02 8.88
CA ILE A 375 2.76 31.40 9.23
C ILE A 375 3.94 32.29 8.91
N SER A 376 5.15 31.82 9.23
CA SER A 376 6.36 32.52 8.83
C SER A 376 6.41 32.74 7.32
N ASN A 377 6.22 31.66 6.55
CA ASN A 377 6.29 31.76 5.09
C ASN A 377 5.29 32.78 4.56
N ILE A 378 4.09 32.83 5.14
CA ILE A 378 3.07 33.77 4.67
C ILE A 378 3.48 35.20 5.00
N PHE A 379 4.04 35.42 6.19
CA PHE A 379 4.50 36.76 6.57
C PHE A 379 5.59 37.25 5.63
N GLN A 380 6.54 36.38 5.29
CA GLN A 380 7.62 36.77 4.38
C GLN A 380 7.08 37.15 3.02
N ALA A 381 6.01 36.51 2.58
CA ALA A 381 5.34 36.93 1.34
C ALA A 381 4.70 38.29 1.50
N ALA A 382 3.95 38.49 2.60
CA ALA A 382 3.41 39.81 2.90
C ALA A 382 4.51 40.84 3.05
N GLU A 383 5.67 40.43 3.57
CA GLU A 383 6.80 41.36 3.68
C GLU A 383 7.25 41.85 2.32
N LYS A 384 7.10 41.05 1.26
CA LYS A 384 7.41 41.61 -0.05
C LYS A 384 6.26 42.43 -0.60
N LEU A 385 5.10 42.42 0.01
CA LEU A 385 4.10 43.36 -0.45
C LEU A 385 3.92 44.55 0.48
N GLY A 386 4.44 44.49 1.70
CA GLY A 386 4.23 45.56 2.65
C GLY A 386 2.95 45.42 3.45
N GLU A 387 2.25 44.30 3.32
CA GLU A 387 0.98 44.04 3.98
C GLU A 387 1.13 43.30 5.31
N THR A 388 2.33 43.31 5.90
CA THR A 388 2.52 42.67 7.19
C THR A 388 1.62 43.26 8.26
N GLU A 389 1.22 44.53 8.10
CA GLU A 389 0.24 45.11 9.01
C GLU A 389 -1.14 44.50 8.77
N LYS A 390 -1.55 44.40 7.51
CA LYS A 390 -2.90 43.84 7.28
C LYS A 390 -2.95 42.40 7.78
N LEU A 391 -1.88 41.63 7.56
CA LEU A 391 -1.92 40.24 7.97
C LEU A 391 -2.00 40.10 9.48
N SER A 392 -1.08 40.76 10.21
CA SER A 392 -1.10 40.72 11.66
C SER A 392 -2.46 41.10 12.23
N ILE A 393 -3.18 42.00 11.56
CA ILE A 393 -4.55 42.30 11.96
C ILE A 393 -5.43 41.06 11.77
N MET A 394 -5.34 40.44 10.60
CA MET A 394 -6.14 39.25 10.31
C MET A 394 -5.87 38.15 11.34
N ILE A 395 -4.61 37.92 11.68
CA ILE A 395 -4.26 36.91 12.66
C ILE A 395 -4.79 37.30 14.03
N GLU A 396 -4.71 38.59 14.37
CA GLU A 396 -5.26 39.05 15.64
C GLU A 396 -6.79 39.03 15.63
N GLU A 397 -7.41 39.31 14.48
CA GLU A 397 -8.85 39.49 14.44
C GLU A 397 -9.63 38.19 14.54
N CYS A 398 -9.05 37.07 14.10
CA CYS A 398 -9.69 35.77 14.23
C CYS A 398 -9.13 34.96 15.40
N GLY A 399 -8.50 35.62 16.36
CA GLY A 399 -8.13 34.98 17.61
C GLY A 399 -6.81 34.23 17.60
N GLY A 400 -5.95 34.48 16.61
CA GLY A 400 -4.71 33.75 16.52
C GLY A 400 -3.56 34.28 17.33
N LEU A 401 -3.65 35.49 17.86
CA LEU A 401 -2.49 36.01 18.57
C LEU A 401 -2.40 35.49 20.00
N ASP A 402 -3.54 35.26 20.65
CA ASP A 402 -3.52 34.58 21.95
C ASP A 402 -2.81 33.24 21.84
N LYS A 403 -3.01 32.54 20.72
CA LYS A 403 -2.40 31.23 20.54
C LYS A 403 -0.88 31.33 20.47
N ILE A 404 -0.37 32.28 19.70
CA ILE A 404 1.07 32.40 19.54
C ILE A 404 1.73 32.86 20.83
N GLU A 405 1.08 33.78 21.55
CA GLU A 405 1.59 34.22 22.85
C GLU A 405 1.72 33.05 23.82
N ALA A 406 0.70 32.18 23.87
CA ALA A 406 0.77 31.03 24.76
C ALA A 406 1.82 30.03 24.30
N LEU A 407 1.89 29.76 23.00
CA LEU A 407 2.89 28.83 22.47
C LEU A 407 4.30 29.33 22.72
N GLN A 408 4.48 30.65 22.78
CA GLN A 408 5.76 31.28 23.08
C GLN A 408 6.42 30.69 24.33
N ARG A 409 5.65 30.01 25.20
CA ARG A 409 6.16 29.44 26.44
C ARG A 409 5.53 28.05 26.64
N HIS A 410 6.13 27.04 26.00
CA HIS A 410 5.77 25.66 26.30
C HIS A 410 7.02 24.80 26.15
N GLU A 411 6.83 23.48 26.28
CA GLU A 411 7.94 22.55 26.44
C GLU A 411 8.94 22.63 25.29
N ASN A 412 8.49 22.37 24.07
CA ASN A 412 9.42 22.12 22.97
C ASN A 412 10.30 23.33 22.69
N GLU A 413 11.53 23.04 22.25
CA GLU A 413 12.55 24.07 22.06
C GLU A 413 12.44 24.74 20.69
N SER A 414 12.22 23.95 19.64
CA SER A 414 12.13 24.51 18.30
C SER A 414 10.90 25.41 18.13
N VAL A 415 9.87 25.23 18.98
CA VAL A 415 8.67 26.04 18.85
C VAL A 415 8.93 27.45 19.38
N TYR A 416 9.32 27.57 20.65
CA TYR A 416 9.36 28.89 21.26
C TYR A 416 10.49 29.75 20.69
N LYS A 417 11.56 29.14 20.20
CA LYS A 417 12.55 29.93 19.45
C LYS A 417 11.96 30.45 18.15
N ALA A 418 11.02 29.72 17.55
CA ALA A 418 10.28 30.21 16.40
C ALA A 418 8.99 30.93 16.78
N SER A 419 8.48 30.70 17.99
CA SER A 419 7.28 31.39 18.45
C SER A 419 7.58 32.83 18.86
N LEU A 420 8.68 33.07 19.58
CA LEU A 420 9.04 34.45 19.89
C LEU A 420 9.41 35.22 18.64
N ASN A 421 9.99 34.56 17.64
CA ASN A 421 10.40 35.26 16.43
C ASN A 421 9.22 35.98 15.79
N LEU A 422 8.06 35.34 15.74
CA LEU A 422 6.89 35.99 15.18
C LEU A 422 6.36 37.10 16.08
N ILE A 423 6.50 36.93 17.40
CA ILE A 423 5.97 37.93 18.33
C ILE A 423 6.74 39.24 18.22
N GLU A 424 8.07 39.17 18.26
CA GLU A 424 8.91 40.37 18.27
C GLU A 424 9.29 40.85 16.87
N LYS A 425 8.76 40.23 15.82
CA LYS A 425 8.97 40.71 14.46
C LYS A 425 7.71 41.23 13.80
N TYR A 426 6.53 40.90 14.33
CA TYR A 426 5.29 41.25 13.65
C TYR A 426 4.20 41.82 14.54
N PHE A 427 4.35 41.82 15.86
CA PHE A 427 3.33 42.34 16.77
C PHE A 427 4.01 43.22 17.81
N SER A 428 3.80 44.53 17.70
CA SER A 428 4.43 45.48 18.61
C SER A 428 3.68 46.82 18.61
N ARG B 7 -1.18 -10.49 4.45
CA ARG B 7 -0.02 -11.33 4.19
C ARG B 7 -0.46 -12.63 3.49
N LYS B 8 -1.46 -13.28 4.09
CA LYS B 8 -1.72 -14.68 3.82
C LYS B 8 -3.22 -14.93 3.71
N ARG B 9 -3.57 -16.02 3.03
CA ARG B 9 -4.96 -16.40 2.84
C ARG B 9 -5.12 -17.88 3.14
N GLN B 10 -6.01 -18.21 4.07
CA GLN B 10 -6.47 -19.58 4.25
C GLN B 10 -7.62 -19.83 3.27
N LYS B 11 -7.57 -20.95 2.58
CA LYS B 11 -8.69 -21.34 1.74
C LYS B 11 -9.73 -22.09 2.57
N LEU B 12 -10.98 -21.82 2.29
CA LEU B 12 -12.03 -22.24 3.19
C LEU B 12 -12.74 -23.39 2.50
N MET B 13 -13.78 -23.91 3.16
CA MET B 13 -14.66 -24.79 2.44
C MET B 13 -15.60 -23.98 1.55
#